data_9ICA
#
_entry.id   9ICA
#
_cell.length_a   178.479
_cell.length_b   57.751
_cell.length_c   48.511
_cell.angle_alpha   90.00
_cell.angle_beta   90.00
_cell.angle_gamma   90.00
#
_symmetry.space_group_name_H-M   'P 21 21 2'
#
loop_
_entity.id
_entity.type
_entity.pdbx_description
1 polymer "DNA (5'-D(*CP*AP*TP*TP*AP*GP*AP*A)-3')"
2 polymer "DNA (5'-D(*TP*CP*TP*AP*AP*TP*G)-3')"
3 polymer 'PROTEIN (DNA POLYMERASE BETA (E.C.2.7.7.7))'
4 non-polymer 'MANGANESE (II) ION'
5 non-polymer "2'-DEOXYADENOSINE 5'-O-(1-THIOTRIPHOSPHATE)"
6 water water
#
loop_
_entity_poly.entity_id
_entity_poly.type
_entity_poly.pdbx_seq_one_letter_code
_entity_poly.pdbx_strand_id
1 'polydeoxyribonucleotide' (DC)(DA)(DT)(DT)(DA)(DG)(DA)(DA) T
2 'polydeoxyribonucleotide' (DT)(DC)(DT)(DA)(DA)(DT)(DG) P
3 'polypeptide(L)'
;MSKRKAPQETLNGGITDMLTELANFEKNVSQAIHKYNAYRKAASVIAKYPHKIKSGAEAKKLPGVGTKIAEKIDEFLATG
KLRKLEKIRQDDTSSSINFLTRVSGIGPSAARKFVDEGIKTLEDLRKNEDKLNHHQRIGLKYFGDFEKRIPREEMLQMQD
IVLNEVKKVDSEYIATVCGSFRRGAESSGDMDVLLTHPSFTSESTKQPKLLHQVVEQLQKVHFITDTLSKGETKFMGVCQ
LPSKNDEKEYPHRRIDIRLIPKDQYYCGVLYFTGSDIFNKNMRAHALEKGFTINEYTIRPLGVTGVAGEPLPVDSEKDIF
DYIQWKYREPKDRSE
;
A
#
loop_
_chem_comp.id
_chem_comp.type
_chem_comp.name
_chem_comp.formula
DA DNA linking 2'-DEOXYADENOSINE-5'-MONOPHOSPHATE 'C10 H14 N5 O6 P'
DC DNA linking 2'-DEOXYCYTIDINE-5'-MONOPHOSPHATE 'C9 H14 N3 O7 P'
DG DNA linking 2'-DEOXYGUANOSINE-5'-MONOPHOSPHATE 'C10 H14 N5 O7 P'
DT DNA linking THYMIDINE-5'-MONOPHOSPHATE 'C10 H15 N2 O8 P'
MN non-polymer 'MANGANESE (II) ION' 'Mn 2'
STP non-polymer '2'-DEOXYADENOSINE 5'-O-(1-THIOTRIPHOSPHATE)' 'C10 H16 N5 O11 P3 S'
#
# COMPACT_ATOMS: atom_id res chain seq x y z
N GLU C 9 2.84 -12.38 -19.71
CA GLU C 9 3.87 -11.66 -18.99
C GLU C 9 4.64 -10.67 -19.86
N THR C 10 4.45 -10.78 -21.17
CA THR C 10 5.10 -9.91 -22.15
C THR C 10 4.58 -10.16 -23.59
N LEU C 11 3.92 -11.30 -23.76
CA LEU C 11 3.39 -11.60 -25.06
C LEU C 11 2.17 -10.75 -25.25
N ASN C 12 1.51 -10.48 -24.13
CA ASN C 12 0.33 -9.67 -24.21
C ASN C 12 0.47 -8.29 -23.58
N GLY C 13 1.72 -7.98 -23.17
CA GLY C 13 2.13 -6.71 -22.53
C GLY C 13 1.34 -5.45 -22.92
N GLY C 14 1.60 -4.93 -24.14
CA GLY C 14 0.95 -3.74 -24.71
C GLY C 14 -0.58 -3.77 -24.58
N ILE C 15 -1.18 -4.92 -24.91
CA ILE C 15 -2.60 -5.04 -24.80
C ILE C 15 -2.97 -4.80 -23.39
N THR C 16 -2.40 -5.55 -22.47
CA THR C 16 -2.79 -5.23 -21.10
C THR C 16 -2.38 -3.82 -20.70
N ASP C 17 -1.23 -3.36 -21.14
CA ASP C 17 -0.84 -2.02 -20.74
C ASP C 17 -1.80 -0.85 -21.09
N MET C 18 -2.30 -0.93 -22.31
CA MET C 18 -3.22 0.01 -22.89
C MET C 18 -4.49 -0.05 -22.06
N LEU C 19 -4.97 -1.29 -21.88
CA LEU C 19 -6.19 -1.64 -21.14
C LEU C 19 -6.21 -1.05 -19.79
N THR C 20 -5.03 -1.01 -19.19
CA THR C 20 -4.88 -0.43 -17.87
C THR C 20 -4.94 1.08 -17.94
N GLU C 21 -4.28 1.67 -18.93
CA GLU C 21 -4.27 3.11 -19.17
C GLU C 21 -5.69 3.63 -19.26
N LEU C 22 -6.49 2.87 -19.99
CA LEU C 22 -7.89 3.12 -20.23
C LEU C 22 -8.68 2.98 -18.93
N ALA C 23 -8.49 1.83 -18.24
CA ALA C 23 -9.17 1.52 -17.00
C ALA C 23 -8.96 2.57 -15.98
N ASN C 24 -7.70 2.93 -15.86
CA ASN C 24 -7.34 3.94 -14.92
C ASN C 24 -8.02 5.22 -15.19
N PHE C 25 -8.07 5.54 -16.43
CA PHE C 25 -8.71 6.76 -16.76
C PHE C 25 -10.20 6.88 -16.37
N GLU C 26 -10.98 5.84 -16.61
CA GLU C 26 -12.41 5.82 -16.29
C GLU C 26 -12.62 6.02 -14.81
N LYS C 27 -11.92 5.22 -14.08
CA LYS C 27 -11.98 5.26 -12.66
C LYS C 27 -11.66 6.64 -12.05
N ASN C 28 -10.70 7.41 -12.64
CA ASN C 28 -10.29 8.71 -12.16
C ASN C 28 -11.04 9.81 -12.79
N VAL C 29 -10.53 10.24 -13.95
CA VAL C 29 -11.14 11.31 -14.70
C VAL C 29 -12.65 11.21 -14.76
N SER C 30 -13.15 10.12 -15.27
CA SER C 30 -14.59 10.00 -15.32
C SER C 30 -15.05 9.28 -14.06
N GLN C 31 -16.26 8.92 -13.95
CA GLN C 31 -16.57 8.24 -12.73
C GLN C 31 -17.18 6.93 -13.18
N ALA C 32 -16.44 6.22 -14.06
CA ALA C 32 -16.83 4.93 -14.68
C ALA C 32 -16.33 3.62 -14.15
N ILE C 33 -16.68 3.44 -12.90
CA ILE C 33 -16.39 2.30 -12.11
C ILE C 33 -16.68 1.05 -12.93
N HIS C 34 -17.78 1.07 -13.61
CA HIS C 34 -18.08 -0.09 -14.36
C HIS C 34 -17.10 -0.40 -15.46
N LYS C 35 -16.88 0.62 -16.34
CA LYS C 35 -16.03 0.63 -17.50
C LYS C 35 -14.71 0.38 -16.99
N TYR C 36 -14.51 1.01 -15.88
CA TYR C 36 -13.24 0.86 -15.27
C TYR C 36 -12.97 -0.57 -14.82
N ASN C 37 -13.95 -1.11 -14.17
CA ASN C 37 -13.89 -2.45 -13.69
C ASN C 37 -13.84 -3.40 -14.87
N ALA C 38 -14.35 -2.88 -15.96
CA ALA C 38 -14.41 -3.60 -17.19
C ALA C 38 -13.04 -3.88 -17.80
N TYR C 39 -12.26 -2.85 -17.88
CA TYR C 39 -10.93 -2.84 -18.42
C TYR C 39 -9.93 -3.68 -17.70
N ARG C 40 -10.17 -3.83 -16.41
CA ARG C 40 -9.25 -4.61 -15.60
C ARG C 40 -9.46 -6.09 -15.67
N LYS C 41 -10.72 -6.51 -15.62
CA LYS C 41 -10.96 -7.93 -15.69
C LYS C 41 -10.41 -8.36 -17.03
N ALA C 42 -10.61 -7.46 -18.00
CA ALA C 42 -10.15 -7.66 -19.36
C ALA C 42 -8.69 -7.80 -19.27
N ALA C 43 -8.02 -6.73 -18.82
CA ALA C 43 -6.59 -6.81 -18.71
C ALA C 43 -6.11 -8.02 -17.89
N SER C 44 -6.90 -8.41 -16.94
CA SER C 44 -6.52 -9.54 -16.13
C SER C 44 -6.40 -10.86 -16.87
N VAL C 45 -7.37 -11.19 -17.71
CA VAL C 45 -7.39 -12.45 -18.46
C VAL C 45 -6.46 -12.58 -19.65
N ILE C 46 -6.31 -11.48 -20.42
CA ILE C 46 -5.45 -11.46 -21.59
C ILE C 46 -4.00 -11.65 -21.16
N ALA C 47 -3.77 -11.32 -19.92
CA ALA C 47 -2.47 -11.43 -19.35
C ALA C 47 -2.09 -12.87 -19.14
N LYS C 48 -3.11 -13.62 -18.73
CA LYS C 48 -3.05 -15.04 -18.46
C LYS C 48 -2.98 -15.88 -19.73
N TYR C 49 -3.42 -15.25 -20.79
CA TYR C 49 -3.42 -15.87 -22.05
C TYR C 49 -1.99 -16.04 -22.51
N PRO C 50 -1.80 -17.31 -22.72
CA PRO C 50 -0.70 -18.12 -23.17
C PRO C 50 -0.32 -17.97 -24.62
N HIS C 51 -0.83 -16.99 -25.30
CA HIS C 51 -0.45 -16.91 -26.69
C HIS C 51 -0.57 -15.50 -27.23
N LYS C 52 0.32 -15.15 -28.12
CA LYS C 52 0.23 -13.83 -28.69
C LYS C 52 -1.11 -13.58 -29.42
N ILE C 53 -1.97 -12.77 -28.76
CA ILE C 53 -3.29 -12.37 -29.27
C ILE C 53 -3.06 -11.57 -30.57
N LYS C 54 -3.45 -12.18 -31.69
CA LYS C 54 -3.28 -11.58 -33.00
C LYS C 54 -4.42 -10.78 -33.52
N SER C 55 -5.51 -10.84 -32.84
CA SER C 55 -6.61 -10.08 -33.35
C SER C 55 -7.72 -9.87 -32.33
N GLY C 56 -8.64 -9.01 -32.77
CA GLY C 56 -9.75 -8.65 -31.98
C GLY C 56 -10.46 -9.89 -31.53
N ALA C 57 -11.20 -10.37 -32.50
CA ALA C 57 -12.01 -11.56 -32.38
C ALA C 57 -11.33 -12.67 -31.60
N GLU C 58 -10.00 -12.66 -31.72
CA GLU C 58 -9.21 -13.63 -31.08
C GLU C 58 -9.27 -13.45 -29.61
N ALA C 59 -9.07 -12.21 -29.17
CA ALA C 59 -9.10 -11.88 -27.74
C ALA C 59 -10.50 -12.09 -27.28
N LYS C 60 -11.28 -11.56 -28.21
CA LYS C 60 -12.71 -11.55 -28.14
C LYS C 60 -13.27 -12.81 -27.54
N LYS C 61 -12.65 -13.92 -27.86
CA LYS C 61 -13.06 -15.23 -27.38
C LYS C 61 -13.06 -15.30 -25.87
N LEU C 62 -12.32 -14.38 -25.30
CA LEU C 62 -12.19 -14.34 -23.89
C LEU C 62 -13.35 -13.76 -23.07
N PRO C 63 -13.39 -14.24 -21.87
CA PRO C 63 -14.33 -13.83 -20.90
C PRO C 63 -13.84 -12.44 -20.47
N GLY C 64 -14.74 -11.51 -20.53
CA GLY C 64 -14.44 -10.17 -20.19
C GLY C 64 -14.31 -9.42 -21.47
N VAL C 65 -13.86 -10.09 -22.52
CA VAL C 65 -13.77 -9.29 -23.70
C VAL C 65 -14.95 -9.18 -24.57
N GLY C 66 -15.47 -7.99 -24.53
CA GLY C 66 -16.59 -7.62 -25.31
C GLY C 66 -16.15 -6.98 -26.61
N THR C 67 -17.15 -6.51 -27.31
CA THR C 67 -17.02 -5.89 -28.59
C THR C 67 -16.20 -4.61 -28.62
N LYS C 68 -16.37 -3.83 -27.52
CA LYS C 68 -15.71 -2.57 -27.31
C LYS C 68 -14.25 -2.67 -27.04
N ILE C 69 -13.91 -3.64 -26.24
CA ILE C 69 -12.53 -3.78 -26.00
C ILE C 69 -11.78 -4.38 -27.18
N ALA C 70 -12.42 -5.35 -27.83
CA ALA C 70 -11.82 -6.00 -28.97
C ALA C 70 -11.42 -4.96 -29.98
N GLU C 71 -12.39 -4.15 -30.26
CA GLU C 71 -12.24 -3.09 -31.19
C GLU C 71 -11.03 -2.26 -30.94
N LYS C 72 -10.73 -2.07 -29.66
CA LYS C 72 -9.58 -1.28 -29.28
C LYS C 72 -8.31 -2.04 -29.58
N ILE C 73 -8.33 -3.30 -29.20
CA ILE C 73 -7.23 -4.15 -29.44
C ILE C 73 -6.93 -4.15 -30.94
N ASP C 74 -7.97 -4.18 -31.76
CA ASP C 74 -7.70 -4.18 -33.16
C ASP C 74 -6.86 -2.96 -33.58
N GLU C 75 -7.34 -1.78 -33.28
CA GLU C 75 -6.64 -0.56 -33.63
C GLU C 75 -5.22 -0.46 -33.15
N PHE C 76 -5.02 -0.93 -31.96
CA PHE C 76 -3.72 -0.90 -31.37
C PHE C 76 -2.84 -1.92 -32.06
N LEU C 77 -3.42 -3.10 -32.36
CA LEU C 77 -2.64 -4.14 -33.05
C LEU C 77 -2.34 -3.63 -34.43
N ALA C 78 -3.36 -3.09 -35.07
CA ALA C 78 -3.22 -2.54 -36.40
C ALA C 78 -2.14 -1.46 -36.45
N THR C 79 -2.29 -0.39 -35.67
CA THR C 79 -1.34 0.71 -35.61
C THR C 79 -0.72 0.74 -34.22
N GLY C 80 0.54 1.15 -34.07
CA GLY C 80 1.14 1.16 -32.71
C GLY C 80 0.51 2.12 -31.66
N LYS C 81 -0.63 2.68 -32.01
CA LYS C 81 -1.26 3.59 -31.09
C LYS C 81 -2.77 3.36 -31.04
N LEU C 82 -3.36 4.08 -30.10
CA LEU C 82 -4.77 4.07 -29.82
C LEU C 82 -5.19 5.54 -29.90
N ARG C 83 -6.32 5.88 -30.54
CA ARG C 83 -6.61 7.30 -30.59
C ARG C 83 -7.02 7.86 -29.24
N LYS C 84 -8.10 7.27 -28.75
CA LYS C 84 -8.69 7.61 -27.50
C LYS C 84 -7.60 7.74 -26.45
N LEU C 85 -6.62 6.85 -26.53
CA LEU C 85 -5.49 6.87 -25.59
C LEU C 85 -4.68 8.13 -25.85
N GLU C 86 -4.53 8.43 -27.16
CA GLU C 86 -3.80 9.60 -27.59
C GLU C 86 -4.47 10.91 -27.22
N LYS C 87 -5.79 10.92 -27.37
CA LYS C 87 -6.61 12.07 -27.05
C LYS C 87 -6.49 12.50 -25.54
N ILE C 88 -6.63 11.53 -24.59
CA ILE C 88 -6.55 11.65 -23.10
C ILE C 88 -5.12 12.03 -22.67
N ARG C 89 -4.18 11.29 -23.23
CA ARG C 89 -2.78 11.48 -22.97
C ARG C 89 -2.39 12.97 -23.15
N GLN C 90 -3.11 13.62 -24.06
CA GLN C 90 -2.90 15.02 -24.37
C GLN C 90 -3.67 15.98 -23.47
N ASP C 91 -5.00 15.75 -23.32
CA ASP C 91 -5.99 16.54 -22.52
C ASP C 91 -5.53 17.06 -21.19
N ASP C 92 -5.53 18.41 -21.05
CA ASP C 92 -5.11 19.01 -19.81
C ASP C 92 -5.97 18.63 -18.62
N THR C 93 -7.26 18.55 -18.80
CA THR C 93 -8.04 18.18 -17.64
C THR C 93 -7.75 16.84 -17.01
N SER C 94 -7.77 15.83 -17.84
CA SER C 94 -7.51 14.56 -17.29
C SER C 94 -6.10 14.60 -16.78
N SER C 95 -5.25 15.37 -17.48
CA SER C 95 -3.83 15.54 -17.12
C SER C 95 -3.67 16.04 -15.71
N SER C 96 -4.50 17.05 -15.43
CA SER C 96 -4.58 17.73 -14.15
C SER C 96 -5.04 16.85 -13.03
N ILE C 97 -6.02 15.99 -13.30
CA ILE C 97 -6.49 15.09 -12.25
C ILE C 97 -5.37 14.10 -11.87
N ASN C 98 -4.67 13.63 -12.89
CA ASN C 98 -3.62 12.70 -12.68
C ASN C 98 -2.53 13.21 -11.80
N PHE C 99 -2.39 14.50 -11.90
CA PHE C 99 -1.40 15.25 -11.16
C PHE C 99 -1.73 15.58 -9.69
N LEU C 100 -2.82 16.33 -9.52
CA LEU C 100 -3.30 16.75 -8.22
C LEU C 100 -3.32 15.60 -7.25
N THR C 101 -3.73 14.52 -7.86
CA THR C 101 -3.85 13.28 -7.14
C THR C 101 -2.59 12.86 -6.34
N ARG C 102 -1.44 13.25 -6.81
CA ARG C 102 -0.20 12.90 -6.17
C ARG C 102 -0.07 13.45 -4.80
N VAL C 103 -0.76 14.52 -4.57
CA VAL C 103 -0.72 15.15 -3.27
C VAL C 103 -1.29 14.24 -2.19
N SER C 104 -0.56 14.07 -1.13
CA SER C 104 -1.09 13.19 -0.13
C SER C 104 -2.29 13.81 0.45
N GLY C 105 -3.41 13.15 0.26
CA GLY C 105 -4.66 13.64 0.77
C GLY C 105 -5.61 13.98 -0.36
N ILE C 106 -5.09 14.06 -1.57
CA ILE C 106 -5.96 14.36 -2.65
C ILE C 106 -6.33 13.12 -3.43
N GLY C 107 -7.58 12.74 -3.41
CA GLY C 107 -8.05 11.58 -4.15
C GLY C 107 -8.62 12.16 -5.40
N PRO C 108 -9.16 11.33 -6.29
CA PRO C 108 -9.74 11.79 -7.56
C PRO C 108 -10.92 12.71 -7.38
N SER C 109 -11.69 12.34 -6.32
CA SER C 109 -12.86 13.08 -5.96
C SER C 109 -12.54 14.54 -5.87
N ALA C 110 -11.65 14.85 -4.93
CA ALA C 110 -11.23 16.18 -4.73
C ALA C 110 -10.48 16.68 -5.92
N ALA C 111 -9.71 15.77 -6.61
CA ALA C 111 -8.94 16.20 -7.76
C ALA C 111 -9.85 16.83 -8.75
N ARG C 112 -10.93 16.12 -9.00
CA ARG C 112 -11.89 16.68 -9.94
C ARG C 112 -12.46 18.02 -9.49
N LYS C 113 -12.89 18.08 -8.21
CA LYS C 113 -13.45 19.30 -7.68
C LYS C 113 -12.51 20.50 -7.82
N PHE C 114 -11.25 20.27 -7.49
CA PHE C 114 -10.29 21.32 -7.60
C PHE C 114 -10.17 21.77 -8.99
N VAL C 115 -10.09 20.79 -9.85
CA VAL C 115 -9.96 21.06 -11.27
C VAL C 115 -11.05 21.98 -11.76
N ASP C 116 -12.24 21.64 -11.27
CA ASP C 116 -13.41 22.38 -11.59
C ASP C 116 -13.33 23.81 -11.26
N GLU C 117 -12.75 24.05 -10.09
CA GLU C 117 -12.55 25.38 -9.59
C GLU C 117 -11.37 26.00 -10.30
N GLY C 118 -10.60 25.18 -10.96
CA GLY C 118 -9.49 25.78 -11.65
C GLY C 118 -8.17 25.55 -10.94
N ILE C 119 -8.14 24.69 -9.91
CA ILE C 119 -6.86 24.47 -9.28
C ILE C 119 -6.31 23.34 -10.12
N LYS C 120 -5.29 23.64 -10.91
CA LYS C 120 -4.70 22.65 -11.75
C LYS C 120 -3.31 22.35 -11.30
N THR C 121 -2.58 23.41 -11.00
CA THR C 121 -1.23 23.28 -10.55
C THR C 121 -1.04 23.33 -9.05
N LEU C 122 0.22 23.08 -8.78
CA LEU C 122 0.82 23.06 -7.49
C LEU C 122 0.86 24.50 -6.95
N GLU C 123 0.98 25.48 -7.81
CA GLU C 123 0.99 26.82 -7.30
C GLU C 123 -0.41 27.16 -6.86
N ASP C 124 -1.32 26.87 -7.79
CA ASP C 124 -2.73 27.08 -7.59
C ASP C 124 -3.04 26.41 -6.33
N LEU C 125 -2.37 25.35 -6.09
CA LEU C 125 -2.67 24.69 -4.87
C LEU C 125 -2.35 25.53 -3.68
N ARG C 126 -1.28 26.27 -3.82
CA ARG C 126 -0.84 27.12 -2.73
C ARG C 126 -1.71 28.30 -2.52
N LYS C 127 -1.95 29.02 -3.60
CA LYS C 127 -2.78 30.21 -3.51
C LYS C 127 -4.15 29.95 -2.90
N ASN C 128 -4.50 28.69 -2.70
CA ASN C 128 -5.79 28.31 -2.13
C ASN C 128 -5.61 27.26 -1.09
N GLU C 129 -4.58 27.48 -0.29
CA GLU C 129 -4.27 26.56 0.73
C GLU C 129 -5.45 26.40 1.63
N ASP C 130 -6.22 27.46 1.68
CA ASP C 130 -7.42 27.45 2.50
C ASP C 130 -8.47 26.37 2.14
N LYS C 131 -8.52 26.04 0.85
CA LYS C 131 -9.45 25.06 0.31
C LYS C 131 -9.20 23.64 0.66
N LEU C 132 -7.97 23.42 1.18
CA LEU C 132 -7.48 22.13 1.58
C LEU C 132 -7.55 21.90 3.06
N ASN C 133 -7.80 20.65 3.48
CA ASN C 133 -7.84 20.29 4.89
C ASN C 133 -6.40 20.03 5.36
N HIS C 134 -6.16 19.81 6.64
CA HIS C 134 -4.81 19.56 7.16
C HIS C 134 -4.01 18.54 6.39
N HIS C 135 -4.54 17.32 6.25
CA HIS C 135 -3.88 16.23 5.54
C HIS C 135 -3.32 16.76 4.23
N GLN C 136 -4.24 17.20 3.35
CA GLN C 136 -3.87 17.76 2.08
C GLN C 136 -2.94 18.95 2.23
N ARG C 137 -3.05 19.63 3.34
CA ARG C 137 -2.17 20.76 3.53
C ARG C 137 -0.80 20.24 3.77
N ILE C 138 -0.72 19.18 4.55
CA ILE C 138 0.57 18.67 4.81
C ILE C 138 1.17 18.04 3.55
N GLY C 139 0.30 17.31 2.81
CA GLY C 139 0.68 16.65 1.58
C GLY C 139 1.45 17.60 0.68
N LEU C 140 0.90 18.81 0.58
CA LEU C 140 1.44 19.90 -0.20
C LEU C 140 2.73 20.42 0.38
N LYS C 141 2.75 20.54 1.66
CA LYS C 141 3.93 21.01 2.28
C LYS C 141 5.13 20.08 2.00
N TYR C 142 4.90 18.77 2.09
CA TYR C 142 5.91 17.78 1.88
C TYR C 142 5.94 17.14 0.51
N PHE C 143 5.21 17.74 -0.44
CA PHE C 143 5.15 17.24 -1.79
C PHE C 143 6.46 16.66 -2.39
N GLY C 144 7.60 17.38 -2.35
CA GLY C 144 8.85 16.83 -2.89
C GLY C 144 9.22 15.60 -2.01
N ASP C 145 9.61 15.79 -0.76
CA ASP C 145 9.95 14.73 0.16
C ASP C 145 9.03 13.53 0.16
N PHE C 146 7.77 13.73 -0.15
CA PHE C 146 6.83 12.62 -0.15
C PHE C 146 6.96 11.68 -1.26
N GLU C 147 7.68 12.17 -2.27
CA GLU C 147 7.95 11.45 -3.50
C GLU C 147 9.24 10.67 -3.54
N LYS C 148 10.17 11.14 -2.70
CA LYS C 148 11.51 10.59 -2.53
C LYS C 148 11.51 9.28 -1.79
N ARG C 149 12.29 8.32 -2.32
CA ARG C 149 12.41 7.00 -1.73
C ARG C 149 13.23 7.04 -0.43
N ILE C 150 13.06 6.07 0.48
CA ILE C 150 13.84 6.11 1.72
C ILE C 150 15.09 5.17 1.71
N PRO C 151 16.31 5.70 1.89
CA PRO C 151 17.45 4.82 1.89
C PRO C 151 17.48 4.00 3.17
N ARG C 152 17.78 2.71 2.98
CA ARG C 152 17.88 1.75 4.06
C ARG C 152 18.86 2.28 5.08
N GLU C 153 19.84 3.04 4.57
CA GLU C 153 20.87 3.65 5.41
C GLU C 153 20.20 4.54 6.45
N GLU C 154 19.12 5.23 5.99
CA GLU C 154 18.26 6.17 6.70
C GLU C 154 17.22 5.43 7.53
N MET C 155 16.74 4.31 6.95
CA MET C 155 15.74 3.39 7.50
C MET C 155 16.22 2.76 8.77
N LEU C 156 17.54 2.49 8.72
CA LEU C 156 18.35 1.91 9.79
C LEU C 156 18.43 2.88 10.96
N GLN C 157 18.57 4.20 10.62
CA GLN C 157 18.66 5.29 11.59
C GLN C 157 17.37 5.57 12.34
N MET C 158 16.33 5.51 11.52
CA MET C 158 14.95 5.72 11.92
C MET C 158 14.53 4.72 12.90
N GLN C 159 14.56 3.49 12.38
CA GLN C 159 14.21 2.33 13.15
C GLN C 159 14.97 2.34 14.49
N ASP C 160 16.18 2.85 14.42
CA ASP C 160 16.97 2.91 15.62
C ASP C 160 16.30 3.76 16.67
N ILE C 161 15.91 4.92 16.24
CA ILE C 161 15.30 5.83 17.14
C ILE C 161 14.02 5.36 17.76
N VAL C 162 13.16 4.84 16.92
CA VAL C 162 11.87 4.37 17.41
C VAL C 162 11.95 3.31 18.49
N LEU C 163 12.69 2.30 18.16
CA LEU C 163 12.91 1.20 18.99
C LEU C 163 13.42 1.68 20.31
N ASN C 164 14.24 2.74 20.28
CA ASN C 164 14.81 3.30 21.48
C ASN C 164 13.81 3.94 22.41
N GLU C 165 12.99 4.82 21.86
CA GLU C 165 12.04 5.42 22.72
C GLU C 165 11.05 4.43 23.24
N VAL C 166 10.37 3.69 22.34
CA VAL C 166 9.36 2.68 22.65
C VAL C 166 9.71 1.97 23.92
N LYS C 167 10.93 1.51 23.90
CA LYS C 167 11.45 0.81 25.02
C LYS C 167 11.55 1.70 26.23
N LYS C 168 12.05 2.91 26.01
CA LYS C 168 12.17 3.81 27.14
C LYS C 168 10.88 4.02 27.84
N VAL C 169 9.80 4.14 27.08
CA VAL C 169 8.50 4.33 27.70
C VAL C 169 8.04 3.03 28.31
N ASP C 170 7.98 1.99 27.51
CA ASP C 170 7.60 0.74 28.08
C ASP C 170 8.51 -0.30 27.60
N SER C 171 8.93 -1.05 28.54
CA SER C 171 9.82 -2.10 28.22
C SER C 171 9.03 -3.22 27.65
N GLU C 172 7.81 -3.31 28.11
CA GLU C 172 6.93 -4.35 27.64
C GLU C 172 6.49 -4.21 26.18
N TYR C 173 6.79 -3.09 25.55
CA TYR C 173 6.41 -2.87 24.17
C TYR C 173 7.14 -3.67 23.14
N ILE C 174 6.38 -4.18 22.16
CA ILE C 174 6.95 -4.95 21.06
C ILE C 174 6.79 -4.19 19.75
N ALA C 175 7.88 -3.85 19.12
CA ALA C 175 7.66 -3.13 17.89
C ALA C 175 8.40 -3.69 16.70
N THR C 176 7.75 -3.65 15.55
CA THR C 176 8.39 -4.17 14.38
C THR C 176 8.32 -3.28 13.14
N VAL C 177 9.47 -3.00 12.55
CA VAL C 177 9.33 -2.21 11.37
C VAL C 177 9.17 -3.26 10.28
N CYS C 178 8.00 -3.25 9.69
CA CYS C 178 7.66 -4.19 8.67
C CYS C 178 7.96 -3.67 7.31
N GLY C 179 7.40 -4.34 6.30
CA GLY C 179 7.58 -3.97 4.91
C GLY C 179 8.85 -4.47 4.22
N SER C 180 9.21 -3.73 3.14
CA SER C 180 10.37 -3.95 2.27
C SER C 180 11.66 -3.85 3.03
N PHE C 181 11.61 -2.97 3.99
CA PHE C 181 12.72 -2.72 4.84
C PHE C 181 13.11 -3.98 5.58
N ARG C 182 12.05 -4.61 6.08
CA ARG C 182 12.07 -5.85 6.83
C ARG C 182 12.65 -6.91 5.98
N ARG C 183 12.18 -6.91 4.73
CA ARG C 183 12.62 -7.83 3.70
C ARG C 183 13.97 -7.48 3.07
N GLY C 184 14.96 -6.91 3.80
CA GLY C 184 16.24 -6.55 3.23
C GLY C 184 16.23 -5.22 2.41
N ALA C 185 15.34 -5.10 1.39
CA ALA C 185 15.17 -3.94 0.47
C ALA C 185 16.01 -2.68 0.69
N GLU C 186 16.72 -2.30 -0.40
CA GLU C 186 17.65 -1.16 -0.54
C GLU C 186 17.14 0.25 -0.17
N SER C 187 15.89 0.44 -0.51
CA SER C 187 15.13 1.63 -0.30
C SER C 187 13.70 1.23 0.06
N SER C 188 12.94 2.15 0.63
CA SER C 188 11.58 1.88 1.01
C SER C 188 10.91 3.19 0.85
N GLY C 189 9.57 3.15 0.69
CA GLY C 189 8.65 4.31 0.50
C GLY C 189 8.15 5.14 1.70
N ASP C 190 7.91 4.48 2.83
CA ASP C 190 7.46 5.09 4.07
C ASP C 190 7.61 4.10 5.19
N MET C 191 7.82 4.56 6.38
CA MET C 191 7.99 3.64 7.48
C MET C 191 6.70 3.08 8.09
N ASP C 192 6.67 1.76 8.42
CA ASP C 192 5.51 1.09 9.02
C ASP C 192 5.89 0.34 10.27
N VAL C 193 5.57 0.92 11.39
CA VAL C 193 5.89 0.24 12.57
C VAL C 193 4.71 -0.52 13.15
N LEU C 194 4.85 -1.85 13.31
CA LEU C 194 3.80 -2.72 13.86
C LEU C 194 3.88 -2.67 15.34
N LEU C 195 2.82 -2.44 16.04
CA LEU C 195 3.01 -2.38 17.47
C LEU C 195 2.09 -3.17 18.35
N THR C 196 2.64 -3.74 19.41
CA THR C 196 1.77 -4.50 20.32
C THR C 196 2.35 -4.51 21.65
N HIS C 197 1.49 -4.78 22.58
CA HIS C 197 1.89 -4.83 23.96
C HIS C 197 1.07 -5.91 24.67
N PRO C 198 1.68 -6.61 25.65
CA PRO C 198 1.03 -7.70 26.42
C PRO C 198 -0.35 -7.44 27.04
N SER C 199 -0.54 -6.25 27.62
CA SER C 199 -1.78 -5.86 28.26
C SER C 199 -2.89 -5.50 27.26
N PHE C 200 -2.69 -5.85 25.96
CA PHE C 200 -3.62 -5.63 24.82
C PHE C 200 -3.69 -6.83 23.91
N THR C 201 -4.90 -7.29 23.76
CA THR C 201 -5.14 -8.43 22.95
C THR C 201 -6.60 -8.51 22.66
N SER C 202 -6.96 -9.43 21.77
CA SER C 202 -8.31 -9.73 21.32
C SER C 202 -9.43 -9.28 22.24
N GLU C 203 -9.42 -9.77 23.50
CA GLU C 203 -10.44 -9.43 24.48
C GLU C 203 -10.22 -8.12 25.20
N SER C 204 -9.16 -8.07 26.05
CA SER C 204 -8.74 -6.91 26.88
C SER C 204 -9.18 -5.61 26.26
N THR C 205 -10.32 -5.15 26.70
CA THR C 205 -10.81 -3.93 26.14
C THR C 205 -9.94 -2.70 26.06
N LYS C 206 -9.20 -2.61 24.97
CA LYS C 206 -8.35 -1.49 24.74
C LYS C 206 -7.46 -0.96 25.85
N GLN C 207 -6.80 0.07 25.41
CA GLN C 207 -5.85 0.88 26.10
C GLN C 207 -5.27 1.72 24.98
N PRO C 208 -6.03 2.73 24.66
CA PRO C 208 -5.71 3.69 23.62
C PRO C 208 -4.38 4.35 23.91
N LYS C 209 -4.22 4.71 25.18
CA LYS C 209 -3.06 5.34 25.70
C LYS C 209 -1.86 4.60 25.24
N LEU C 210 -2.02 3.27 25.19
CA LEU C 210 -1.00 2.36 24.73
C LEU C 210 -0.41 2.91 23.44
N LEU C 211 -1.26 3.43 22.52
CA LEU C 211 -0.79 4.01 21.27
C LEU C 211 -0.18 5.40 21.45
N HIS C 212 -0.98 6.18 22.15
CA HIS C 212 -0.81 7.57 22.52
C HIS C 212 0.45 7.90 23.20
N GLN C 213 0.82 7.04 24.11
CA GLN C 213 2.01 7.27 24.84
C GLN C 213 3.14 7.37 23.93
N VAL C 214 3.31 6.34 23.12
CA VAL C 214 4.45 6.42 22.22
C VAL C 214 4.42 7.51 21.23
N VAL C 215 3.20 7.81 20.79
CA VAL C 215 3.05 8.86 19.81
C VAL C 215 3.66 10.14 20.34
N GLU C 216 3.44 10.31 21.60
CA GLU C 216 3.93 11.44 22.34
C GLU C 216 5.44 11.47 22.46
N GLN C 217 5.96 10.36 22.92
CA GLN C 217 7.35 10.21 23.11
C GLN C 217 8.08 10.59 21.84
N LEU C 218 7.62 10.00 20.74
CA LEU C 218 8.22 10.26 19.45
C LEU C 218 8.26 11.75 19.12
N GLN C 219 7.14 12.40 19.36
CA GLN C 219 6.99 13.81 19.11
C GLN C 219 7.90 14.60 19.99
N LYS C 220 7.81 14.23 21.27
CA LYS C 220 8.57 14.87 22.32
C LYS C 220 9.98 15.10 21.92
N VAL C 221 10.62 14.06 21.38
CA VAL C 221 11.99 14.19 20.97
C VAL C 221 12.22 14.69 19.56
N HIS C 222 11.15 15.00 18.81
CA HIS C 222 11.17 15.49 17.43
C HIS C 222 11.31 14.49 16.35
N PHE C 223 10.82 13.29 16.59
CA PHE C 223 10.95 12.36 15.53
C PHE C 223 9.69 12.55 14.71
N ILE C 224 8.62 12.73 15.47
CA ILE C 224 7.42 12.95 14.78
C ILE C 224 7.29 14.38 14.65
N THR C 225 6.98 14.80 13.44
CA THR C 225 6.85 16.21 13.18
C THR C 225 5.46 16.63 13.08
N ASP C 226 4.68 15.90 12.27
CA ASP C 226 3.29 16.20 12.10
C ASP C 226 2.42 15.00 12.26
N THR C 227 1.16 15.28 12.47
CA THR C 227 0.17 14.28 12.61
C THR C 227 -0.80 14.38 11.37
N LEU C 228 -0.95 13.29 10.63
CA LEU C 228 -1.82 13.20 9.49
C LEU C 228 -3.18 12.72 10.01
N SER C 229 -3.13 11.73 10.91
CA SER C 229 -4.31 11.16 11.51
C SER C 229 -3.98 10.25 12.68
N LYS C 230 -4.71 10.43 13.76
CA LYS C 230 -4.43 9.61 14.91
C LYS C 230 -5.69 9.08 15.60
N GLY C 231 -5.77 7.77 15.81
CA GLY C 231 -6.93 7.22 16.46
C GLY C 231 -6.45 6.25 17.48
N GLU C 232 -7.35 5.63 18.19
CA GLU C 232 -6.89 4.70 19.20
C GLU C 232 -6.20 3.44 18.75
N THR C 233 -5.70 3.35 17.53
CA THR C 233 -5.04 2.12 17.10
C THR C 233 -4.22 2.33 15.88
N LYS C 234 -4.32 3.47 15.28
CA LYS C 234 -3.58 3.71 14.09
C LYS C 234 -3.36 5.18 13.95
N PHE C 235 -2.13 5.51 13.89
CA PHE C 235 -1.76 6.87 13.77
C PHE C 235 -1.08 6.92 12.45
N MET C 236 -1.21 8.02 11.70
CA MET C 236 -0.57 8.26 10.39
C MET C 236 0.22 9.54 10.54
N GLY C 237 1.53 9.60 10.35
CA GLY C 237 2.20 10.89 10.53
C GLY C 237 3.32 11.26 9.56
N VAL C 238 4.22 12.12 10.02
CA VAL C 238 5.37 12.61 9.26
C VAL C 238 6.55 12.61 10.18
N CYS C 239 7.73 12.16 9.75
CA CYS C 239 8.85 12.18 10.65
C CYS C 239 10.09 12.70 9.98
N GLN C 240 11.11 12.85 10.80
CA GLN C 240 12.36 13.35 10.29
C GLN C 240 13.56 13.17 11.16
N LEU C 241 14.67 12.80 10.52
CA LEU C 241 15.93 12.64 11.23
C LEU C 241 16.59 13.96 11.46
N PRO C 242 16.99 14.05 12.72
CA PRO C 242 17.66 15.15 13.26
C PRO C 242 18.77 15.47 12.32
N SER C 243 18.70 16.71 11.88
CA SER C 243 19.65 17.24 10.97
C SER C 243 20.88 17.61 11.73
N LYS C 244 21.83 16.72 11.47
CA LYS C 244 23.17 16.67 12.01
C LYS C 244 23.79 18.00 12.38
N ASN C 245 25.10 18.03 12.13
CA ASN C 245 25.88 19.21 12.40
C ASN C 245 25.94 20.10 11.18
N ASP C 246 24.71 20.44 10.80
CA ASP C 246 24.33 21.29 9.69
C ASP C 246 25.20 21.48 8.48
N GLU C 247 24.43 21.50 7.39
CA GLU C 247 24.82 21.65 6.02
C GLU C 247 23.92 20.69 5.27
N LYS C 248 23.24 19.86 6.06
CA LYS C 248 22.33 18.88 5.48
C LYS C 248 21.19 18.44 6.38
N GLU C 249 19.96 18.75 5.95
CA GLU C 249 18.73 18.37 6.67
C GLU C 249 18.04 17.15 5.99
N TYR C 250 17.20 16.44 6.74
CA TYR C 250 16.52 15.28 6.21
C TYR C 250 15.07 15.48 5.70
N PRO C 251 14.80 14.87 4.56
CA PRO C 251 13.51 14.92 3.97
C PRO C 251 12.52 14.37 4.94
N HIS C 252 11.29 14.91 4.83
CA HIS C 252 10.16 14.54 5.66
C HIS C 252 9.62 13.18 5.20
N ARG C 253 9.44 12.22 6.15
CA ARG C 253 8.96 10.88 5.84
C ARG C 253 7.63 10.38 6.43
N ARG C 254 6.86 9.81 5.54
CA ARG C 254 5.62 9.28 5.92
C ARG C 254 5.84 8.15 6.91
N ILE C 255 5.19 8.19 8.05
CA ILE C 255 5.38 7.09 8.99
C ILE C 255 4.05 6.63 9.56
N ASP C 256 3.84 5.30 9.68
CA ASP C 256 2.58 4.76 10.21
C ASP C 256 2.79 3.77 11.29
N ILE C 257 2.24 4.12 12.43
CA ILE C 257 2.33 3.26 13.59
C ILE C 257 0.97 2.66 13.90
N ARG C 258 0.90 1.36 14.12
CA ARG C 258 -0.36 0.67 14.43
C ARG C 258 -0.34 -0.28 15.63
N LEU C 259 -1.34 -0.14 16.49
CA LEU C 259 -1.47 -0.95 17.69
C LEU C 259 -2.16 -2.27 17.45
N ILE C 260 -1.55 -3.33 17.93
CA ILE C 260 -2.13 -4.64 17.75
C ILE C 260 -2.21 -5.35 19.06
N PRO C 261 -3.28 -6.08 19.19
CA PRO C 261 -3.52 -6.85 20.37
C PRO C 261 -2.47 -7.93 20.29
N LYS C 262 -1.61 -8.04 21.32
CA LYS C 262 -0.53 -9.03 21.38
C LYS C 262 -0.89 -10.36 20.75
N ASP C 263 -2.08 -10.86 20.99
CA ASP C 263 -2.39 -12.13 20.36
C ASP C 263 -2.64 -12.21 18.83
N GLN C 264 -2.07 -11.31 18.03
CA GLN C 264 -2.25 -11.35 16.59
C GLN C 264 -1.15 -10.74 15.79
N TYR C 265 -0.14 -10.36 16.54
CA TYR C 265 1.03 -9.75 16.04
C TYR C 265 1.66 -10.47 14.85
N TYR C 266 2.26 -11.61 15.09
CA TYR C 266 2.88 -12.36 14.05
C TYR C 266 2.05 -12.59 12.82
N CYS C 267 0.75 -12.87 12.94
CA CYS C 267 0.00 -13.04 11.71
C CYS C 267 0.07 -11.70 11.05
N GLY C 268 -0.16 -10.73 11.91
CA GLY C 268 -0.16 -9.33 11.56
C GLY C 268 1.16 -8.97 10.93
N VAL C 269 2.19 -9.28 11.65
CA VAL C 269 3.49 -9.00 11.21
C VAL C 269 3.88 -9.75 9.98
N LEU C 270 3.60 -11.01 10.03
CA LEU C 270 3.93 -11.94 8.96
C LEU C 270 3.55 -11.38 7.68
N TYR C 271 2.31 -11.06 7.75
CA TYR C 271 1.52 -10.51 6.75
C TYR C 271 2.09 -9.30 6.01
N PHE C 272 2.18 -8.21 6.76
CA PHE C 272 2.69 -6.94 6.29
C PHE C 272 4.00 -7.04 5.64
N THR C 273 4.86 -7.97 6.16
CA THR C 273 6.19 -8.19 5.59
C THR C 273 6.10 -8.66 4.15
N GLY C 274 4.96 -9.30 3.78
CA GLY C 274 4.73 -9.79 2.44
C GLY C 274 5.83 -10.78 2.06
N SER C 275 6.31 -10.75 0.78
CA SER C 275 5.88 -9.87 -0.32
C SER C 275 4.53 -10.33 -0.74
N ASP C 276 3.73 -9.45 -1.32
CA ASP C 276 2.37 -9.78 -1.78
C ASP C 276 2.22 -11.20 -2.29
N ILE C 277 3.26 -11.61 -3.05
CA ILE C 277 3.30 -12.96 -3.60
C ILE C 277 3.54 -14.03 -2.54
N PHE C 278 4.58 -13.82 -1.71
CA PHE C 278 4.93 -14.72 -0.65
C PHE C 278 3.73 -15.04 0.16
N ASN C 279 2.99 -13.97 0.37
CA ASN C 279 1.78 -14.05 1.13
C ASN C 279 0.89 -15.09 0.56
N LYS C 280 0.39 -14.73 -0.59
CA LYS C 280 -0.50 -15.57 -1.34
C LYS C 280 0.04 -16.97 -1.39
N ASN C 281 1.27 -17.06 -1.83
CA ASN C 281 1.89 -18.35 -1.90
C ASN C 281 1.91 -19.02 -0.54
N MET C 282 2.19 -18.23 0.47
CA MET C 282 2.18 -18.88 1.74
C MET C 282 0.79 -19.28 2.05
N ARG C 283 -0.08 -18.34 1.79
CA ARG C 283 -1.48 -18.52 2.04
C ARG C 283 -2.07 -19.65 1.28
N ALA C 284 -1.60 -19.86 0.06
CA ALA C 284 -2.14 -20.96 -0.74
C ALA C 284 -1.84 -22.30 -0.09
N HIS C 285 -0.63 -22.43 0.42
CA HIS C 285 -0.21 -23.63 1.06
C HIS C 285 -1.07 -24.00 2.29
N ALA C 286 -1.18 -23.05 3.25
CA ALA C 286 -1.95 -23.21 4.49
C ALA C 286 -3.25 -23.92 4.30
N LEU C 287 -3.75 -23.82 3.05
CA LEU C 287 -5.01 -24.36 2.49
C LEU C 287 -4.99 -25.88 2.27
N GLU C 288 -3.88 -26.35 1.71
CA GLU C 288 -3.69 -27.75 1.46
C GLU C 288 -3.34 -28.33 2.80
N LYS C 289 -2.35 -27.65 3.43
CA LYS C 289 -1.87 -28.04 4.73
C LYS C 289 -2.92 -28.02 5.85
N GLY C 290 -4.21 -27.95 5.42
CA GLY C 290 -5.43 -27.94 6.27
C GLY C 290 -5.75 -26.70 7.13
N PHE C 291 -5.38 -25.51 6.64
CA PHE C 291 -5.59 -24.25 7.34
C PHE C 291 -6.04 -23.11 6.52
N THR C 292 -6.17 -22.01 7.26
CA THR C 292 -6.58 -20.72 6.77
C THR C 292 -5.73 -19.61 7.43
N ILE C 293 -5.20 -18.72 6.59
CA ILE C 293 -4.36 -17.61 7.06
C ILE C 293 -4.86 -16.27 6.53
N ASN C 294 -4.90 -15.30 7.43
CA ASN C 294 -5.35 -13.95 7.16
C ASN C 294 -4.89 -13.00 8.22
N GLU C 295 -4.46 -11.82 7.79
CA GLU C 295 -3.97 -10.70 8.57
C GLU C 295 -3.92 -10.80 10.13
N TYR C 296 -4.82 -11.57 10.77
CA TYR C 296 -4.84 -11.72 12.23
C TYR C 296 -4.74 -13.11 12.77
N THR C 297 -5.28 -14.06 12.05
CA THR C 297 -5.20 -15.39 12.62
C THR C 297 -4.85 -16.45 11.61
N ILE C 298 -5.03 -17.66 12.07
CA ILE C 298 -4.79 -18.88 11.35
C ILE C 298 -5.59 -19.90 12.13
N ARG C 299 -6.56 -20.43 11.40
CA ARG C 299 -7.46 -21.40 11.92
C ARG C 299 -7.50 -22.63 11.04
N PRO C 300 -7.54 -23.76 11.73
CA PRO C 300 -7.58 -25.08 11.14
C PRO C 300 -8.85 -25.23 10.35
N LEU C 301 -8.68 -25.77 9.14
CA LEU C 301 -9.77 -25.99 8.22
C LEU C 301 -10.54 -27.26 8.56
N GLY C 302 -11.85 -27.12 8.71
CA GLY C 302 -12.73 -28.23 9.02
C GLY C 302 -13.26 -28.75 7.70
N VAL C 303 -13.36 -30.08 7.56
CA VAL C 303 -13.85 -30.72 6.33
C VAL C 303 -15.22 -30.31 5.70
N THR C 304 -16.20 -29.94 6.55
CA THR C 304 -17.59 -29.53 6.21
C THR C 304 -17.68 -28.43 5.16
N GLY C 305 -16.50 -27.93 4.88
CA GLY C 305 -16.21 -26.89 3.94
C GLY C 305 -15.23 -25.97 4.66
N VAL C 306 -15.79 -25.32 5.68
CA VAL C 306 -15.10 -24.36 6.52
C VAL C 306 -14.99 -24.81 7.98
N ALA C 307 -14.29 -24.00 8.74
CA ALA C 307 -14.08 -24.25 10.16
C ALA C 307 -13.30 -23.09 10.80
N GLY C 308 -13.52 -22.87 12.11
CA GLY C 308 -12.86 -21.80 12.86
C GLY C 308 -11.84 -22.30 13.92
N GLU C 309 -11.47 -21.40 14.83
CA GLU C 309 -10.55 -21.71 15.91
C GLU C 309 -9.09 -21.36 15.75
N PRO C 310 -8.83 -20.06 15.99
CA PRO C 310 -7.53 -19.40 15.92
C PRO C 310 -6.41 -20.13 16.66
N LEU C 311 -5.42 -20.55 15.93
CA LEU C 311 -4.39 -21.21 16.64
C LEU C 311 -3.53 -20.20 17.38
N PRO C 312 -2.77 -20.71 18.34
CA PRO C 312 -1.87 -19.95 19.18
C PRO C 312 -0.44 -19.80 18.63
N VAL C 313 -0.12 -18.52 18.30
CA VAL C 313 1.13 -18.02 17.73
C VAL C 313 2.00 -17.12 18.65
N ASP C 314 3.30 -17.46 18.82
CA ASP C 314 4.29 -16.71 19.63
C ASP C 314 5.47 -16.16 18.80
N SER C 315 5.49 -16.52 17.50
CA SER C 315 6.49 -16.10 16.53
C SER C 315 6.13 -16.54 15.16
N GLU C 316 6.77 -15.94 14.18
CA GLU C 316 6.54 -16.26 12.78
C GLU C 316 6.86 -17.73 12.50
N LYS C 317 7.49 -18.33 13.51
CA LYS C 317 7.88 -19.71 13.47
C LYS C 317 6.63 -20.56 13.50
N ASP C 318 5.96 -20.49 14.66
CA ASP C 318 4.73 -21.19 14.97
C ASP C 318 3.82 -21.34 13.78
N ILE C 319 3.80 -20.34 12.94
CA ILE C 319 2.97 -20.37 11.74
C ILE C 319 3.50 -21.30 10.66
N PHE C 320 4.81 -21.19 10.42
CA PHE C 320 5.47 -22.00 9.42
C PHE C 320 5.18 -23.41 9.85
N ASP C 321 5.62 -23.72 11.08
CA ASP C 321 5.46 -25.03 11.76
C ASP C 321 4.07 -25.56 11.42
N TYR C 322 3.06 -24.78 11.78
CA TYR C 322 1.67 -25.05 11.58
C TYR C 322 1.43 -25.66 10.20
N ILE C 323 1.65 -24.87 9.19
CA ILE C 323 1.47 -25.37 7.87
C ILE C 323 2.71 -26.14 7.43
N GLN C 324 3.53 -26.48 8.42
CA GLN C 324 4.77 -27.26 8.24
C GLN C 324 5.66 -26.86 7.08
N TRP C 325 5.94 -25.58 7.00
CA TRP C 325 6.77 -25.06 5.95
C TRP C 325 8.18 -24.80 6.39
N LYS C 326 8.95 -24.30 5.45
CA LYS C 326 10.31 -23.99 5.81
C LYS C 326 10.28 -22.60 6.41
N TYR C 327 10.89 -22.37 7.58
CA TYR C 327 10.83 -20.99 8.06
C TYR C 327 11.70 -20.25 7.07
N ARG C 328 11.09 -19.24 6.43
CA ARG C 328 11.76 -18.42 5.44
C ARG C 328 12.20 -17.13 6.03
N GLU C 329 13.52 -16.86 6.03
CA GLU C 329 14.00 -15.61 6.57
C GLU C 329 13.27 -14.52 5.80
N PRO C 330 12.92 -13.42 6.48
CA PRO C 330 12.23 -12.35 5.81
C PRO C 330 12.96 -11.95 4.54
N LYS C 331 14.32 -12.01 4.60
CA LYS C 331 15.22 -11.70 3.48
C LYS C 331 14.64 -12.28 2.18
N ASP C 332 14.28 -13.56 2.28
CA ASP C 332 13.71 -14.33 1.19
C ASP C 332 12.22 -14.61 1.27
N ARG C 333 11.45 -13.55 1.52
CA ARG C 333 10.01 -13.68 1.59
C ARG C 333 9.59 -13.09 0.27
N SER C 334 10.61 -12.90 -0.56
CA SER C 334 10.49 -12.32 -1.88
C SER C 334 9.44 -12.86 -2.84
N GLU C 335 9.01 -14.11 -2.64
CA GLU C 335 7.99 -14.73 -3.47
C GLU C 335 7.54 -16.09 -2.98
MN MN D . 5.93 0.79 3.35
MN MN E . 2.39 2.72 5.18
PG STP F . 7.79 0.53 0.69
O1G STP F . 8.13 0.11 2.07
O2G STP F . 8.89 0.68 -0.29
O3G STP F . 6.93 1.86 0.76
PB STP F . 5.94 -1.64 0.90
O1B STP F . 5.94 -2.79 -0.05
O2B STP F . 6.59 -1.82 2.22
O3B STP F . 6.66 -0.47 0.15
PA STP F . 3.41 -0.34 2.10
S1A STP F . 4.14 0.71 2.83
O2A STP F . 2.16 0.08 1.40
O3A STP F . 4.38 -1.06 1.02
O5' STP F . 3.06 -1.55 3.09
#